data_3I7B
#
_entry.id   3I7B
#
_cell.length_a   47.243
_cell.length_b   72.851
_cell.length_c   65.713
_cell.angle_alpha   90.00
_cell.angle_beta   98.78
_cell.angle_gamma   90.00
#
_symmetry.space_group_name_H-M   'P 1 21 1'
#
loop_
_entity.id
_entity.type
_entity.pdbx_description
1 polymer 'Calmodulin-domain protein kinase 1'
2 non-polymer 1-(1-methylethyl)-3-(naphthalen-1-ylmethyl)-1H-pyrazolo[3,4-d]pyrimidin-4-amine
3 non-polymer 1,2-ETHANEDIOL
4 non-polymer 'DIMETHYL SULFOXIDE'
5 water water
#
_entity_poly.entity_id   1
_entity_poly.type   'polypeptide(L)'
_entity_poly.pdbx_seq_one_letter_code
;GPGSMMDHLHATPGMFVQHSTAIFSDRYKGQRVLGKGSFGEVILCKDKITGQECAVKVISKRQVKQKTDKESLLREVQLL
KQLDHPNIMKLYEFFEDKGYFYLVGEVYTGGELFDEIISRKRFSEVDAARIIRQVLSGITYMHKNKIVHRDLKPENLLLE
SKSKDANIRIIDFGLSTHFEASKKMKDKIGTAYYIAPEVLHGTYDEKCDVWSTGVILYILLSGCPPFNGANEYDILKKVE
KGKYTFELPQWKKVSESAKDLIRKMLTYVPSMRISARDALDHEWIQTYTKEQISVDVPSLDNAILNIRQFQGTQKLAQAA
LLYMGSKLTSQDETKELTAIFHKMDKNGDGQLDRAELIEGYKELMRMKGQDASMLDASAVEHEVDQVLDAVDFDKNGYIE
YSEFVTVAMDRKTLLSRERLERAFRMFDSDNSGKISSTELATIFGVSDVDSETWKSVLSEVDKNNDGEVDFDEFQQMLLK
LCGN
;
_entity_poly.pdbx_strand_id   A
#
# COMPACT_ATOMS: atom_id res chain seq x y z
N ILE A 23 23.40 10.81 -13.12
CA ILE A 23 22.08 11.48 -12.92
CA ILE A 23 22.09 11.53 -13.01
C ILE A 23 20.94 10.64 -13.51
N PHE A 24 19.91 10.44 -12.69
CA PHE A 24 18.79 9.55 -13.00
C PHE A 24 18.12 9.83 -14.36
N SER A 25 17.77 11.09 -14.59
CA SER A 25 17.05 11.48 -15.81
C SER A 25 17.87 11.31 -17.09
N ASP A 26 19.20 11.24 -16.98
CA ASP A 26 20.04 10.94 -18.15
C ASP A 26 19.82 9.52 -18.68
N ARG A 27 19.52 8.58 -17.78
CA ARG A 27 19.37 7.17 -18.16
C ARG A 27 17.93 6.69 -18.31
N TYR A 28 17.04 7.17 -17.44
CA TYR A 28 15.67 6.68 -17.37
C TYR A 28 14.66 7.78 -17.66
N LYS A 29 13.57 7.42 -18.32
CA LYS A 29 12.40 8.30 -18.45
C LYS A 29 11.22 7.65 -17.76
N GLY A 30 10.47 8.45 -17.01
CA GLY A 30 9.22 7.99 -16.40
C GLY A 30 8.17 7.75 -17.47
N GLN A 31 7.45 6.64 -17.35
CA GLN A 31 6.38 6.30 -18.31
C GLN A 31 5.00 6.40 -17.68
N ARG A 32 4.83 5.80 -16.50
CA ARG A 32 3.57 5.92 -15.76
C ARG A 32 3.74 5.62 -14.26
N VAL A 33 2.83 6.15 -13.45
CA VAL A 33 2.86 5.94 -12.00
C VAL A 33 2.31 4.56 -11.65
N LEU A 34 3.05 3.81 -10.84
CA LEU A 34 2.61 2.51 -10.37
C LEU A 34 1.81 2.64 -9.07
N GLY A 35 2.27 3.50 -8.18
CA GLY A 35 1.55 3.80 -6.95
C GLY A 35 2.39 4.40 -5.85
N LYS A 36 1.79 4.55 -4.67
CA LYS A 36 2.48 5.03 -3.49
C LYS A 36 2.92 3.82 -2.67
N GLY A 37 4.20 3.76 -2.32
CA GLY A 37 4.74 2.72 -1.48
C GLY A 37 5.38 3.29 -0.24
N SER A 38 5.96 2.43 0.59
CA SER A 38 6.67 2.88 1.78
C SER A 38 7.83 3.80 1.38
N PHE A 39 7.90 4.98 2.01
CA PHE A 39 8.98 5.96 1.83
C PHE A 39 8.95 6.81 0.54
N GLY A 40 8.06 6.50 -0.40
CA GLY A 40 7.93 7.34 -1.60
C GLY A 40 7.15 6.71 -2.76
N GLU A 41 6.90 7.50 -3.79
CA GLU A 41 6.13 7.03 -4.94
C GLU A 41 6.97 6.12 -5.84
N VAL A 42 6.27 5.20 -6.51
CA VAL A 42 6.89 4.25 -7.39
C VAL A 42 6.42 4.53 -8.82
N ILE A 43 7.39 4.76 -9.71
CA ILE A 43 7.13 5.10 -11.10
C ILE A 43 7.69 4.01 -12.00
N LEU A 44 6.90 3.61 -13.00
CA LEU A 44 7.39 2.74 -14.07
C LEU A 44 8.25 3.60 -14.97
N CYS A 45 9.51 3.20 -15.16
CA CYS A 45 10.45 3.94 -15.99
CA CYS A 45 10.45 3.94 -15.99
C CYS A 45 11.06 3.04 -17.05
N LYS A 46 11.67 3.67 -18.05
CA LYS A 46 12.28 2.96 -19.15
C LYS A 46 13.69 3.49 -19.41
N ASP A 47 14.66 2.59 -19.55
CA ASP A 47 16.01 2.94 -19.97
C ASP A 47 15.94 3.58 -21.35
N LYS A 48 16.49 4.80 -21.48
CA LYS A 48 16.39 5.57 -22.72
C LYS A 48 17.08 4.91 -23.91
N ILE A 49 18.07 4.06 -23.66
CA ILE A 49 18.84 3.40 -24.71
C ILE A 49 18.30 2.01 -25.04
N THR A 50 18.25 1.15 -24.02
CA THR A 50 17.93 -0.27 -24.20
C THR A 50 16.44 -0.56 -24.16
N GLY A 51 15.63 0.41 -23.74
CA GLY A 51 14.18 0.23 -23.63
C GLY A 51 13.72 -0.66 -22.49
N GLN A 52 14.65 -1.09 -21.62
CA GLN A 52 14.32 -1.97 -20.51
C GLN A 52 13.40 -1.25 -19.52
N GLU A 53 12.26 -1.88 -19.21
CA GLU A 53 11.35 -1.34 -18.20
C GLU A 53 11.85 -1.66 -16.79
N CYS A 54 11.67 -0.70 -15.90
CA CYS A 54 12.03 -0.88 -14.49
CA CYS A 54 12.08 -0.81 -14.49
C CYS A 54 11.06 -0.11 -13.61
N ALA A 55 11.15 -0.34 -12.31
CA ALA A 55 10.36 0.42 -11.36
C ALA A 55 11.34 1.25 -10.54
N VAL A 56 11.01 2.51 -10.30
CA VAL A 56 11.86 3.38 -9.49
C VAL A 56 11.07 3.92 -8.31
N LYS A 57 11.66 3.82 -7.12
CA LYS A 57 11.11 4.40 -5.91
C LYS A 57 11.87 5.69 -5.63
N VAL A 58 11.13 6.80 -5.58
CA VAL A 58 11.70 8.13 -5.34
C VAL A 58 11.47 8.53 -3.89
N ILE A 59 12.56 8.66 -3.13
CA ILE A 59 12.46 8.98 -1.70
C ILE A 59 12.90 10.42 -1.45
N SER A 60 11.95 11.26 -1.01
CA SER A 60 12.22 12.67 -0.73
C SER A 60 13.06 12.83 0.54
N LYS A 61 14.24 13.44 0.37
CA LYS A 61 15.17 13.67 1.48
C LYS A 61 14.65 14.72 2.47
N ARG A 62 13.72 15.56 2.03
CA ARG A 62 13.00 16.49 2.90
C ARG A 62 12.01 15.73 3.80
N GLN A 63 11.09 15.02 3.16
CA GLN A 63 9.98 14.35 3.84
C GLN A 63 10.45 13.17 4.69
N VAL A 64 11.41 12.40 4.17
CA VAL A 64 11.88 11.19 4.84
C VAL A 64 13.23 11.42 5.52
N LYS A 65 13.27 11.15 6.82
CA LYS A 65 14.48 11.26 7.63
C LYS A 65 15.38 10.05 7.39
N GLN A 66 16.70 10.27 7.40
CA GLN A 66 17.67 9.18 7.33
C GLN A 66 18.08 8.75 8.72
N LYS A 67 18.24 7.45 8.92
CA LYS A 67 18.68 6.90 10.22
C LYS A 67 20.19 6.87 10.33
N THR A 68 20.85 6.30 9.32
CA THR A 68 22.29 6.04 9.35
C THR A 68 23.07 7.07 8.53
N ASP A 69 24.39 6.98 8.58
CA ASP A 69 25.26 7.79 7.72
C ASP A 69 25.21 7.24 6.29
N LYS A 70 25.65 8.06 5.34
CA LYS A 70 25.62 7.68 3.93
C LYS A 70 26.65 6.61 3.59
N GLU A 71 27.76 6.57 4.33
CA GLU A 71 28.70 5.44 4.27
C GLU A 71 27.93 4.13 4.34
N SER A 72 27.07 4.01 5.35
CA SER A 72 26.29 2.80 5.59
C SER A 72 25.21 2.57 4.53
N LEU A 73 24.52 3.63 4.14
CA LEU A 73 23.46 3.53 3.12
C LEU A 73 24.03 3.07 1.79
N LEU A 74 25.09 3.73 1.32
CA LEU A 74 25.74 3.38 0.07
C LEU A 74 26.26 1.93 0.09
N ARG A 75 26.80 1.51 1.23
CA ARG A 75 27.36 0.17 1.36
C ARG A 75 26.26 -0.90 1.30
N GLU A 76 25.14 -0.66 1.97
CA GLU A 76 24.02 -1.60 1.92
C GLU A 76 23.43 -1.70 0.51
N VAL A 77 23.33 -0.56 -0.17
CA VAL A 77 22.87 -0.54 -1.56
C VAL A 77 23.77 -1.39 -2.46
N GLN A 78 25.08 -1.27 -2.28
CA GLN A 78 26.04 -2.04 -3.08
C GLN A 78 25.91 -3.54 -2.84
N LEU A 79 25.67 -3.92 -1.58
CA LEU A 79 25.42 -5.33 -1.25
C LEU A 79 24.15 -5.83 -1.91
N LEU A 80 23.07 -5.05 -1.79
CA LEU A 80 21.78 -5.43 -2.39
C LEU A 80 21.89 -5.64 -3.90
N LYS A 81 22.70 -4.83 -4.58
CA LYS A 81 22.95 -4.97 -6.02
C LYS A 81 23.58 -6.31 -6.39
N GLN A 82 24.35 -6.91 -5.48
CA GLN A 82 25.03 -8.17 -5.72
C GLN A 82 24.25 -9.42 -5.30
N LEU A 83 23.11 -9.23 -4.65
CA LEU A 83 22.30 -10.35 -4.17
C LEU A 83 21.18 -10.68 -5.16
N ASP A 84 20.86 -11.96 -5.30
CA ASP A 84 19.78 -12.41 -6.18
C ASP A 84 19.05 -13.60 -5.55
N HIS A 85 17.72 -13.51 -5.51
CA HIS A 85 16.88 -14.60 -5.02
C HIS A 85 15.52 -14.45 -5.68
N PRO A 86 14.90 -15.57 -6.12
CA PRO A 86 13.65 -15.45 -6.87
C PRO A 86 12.44 -14.96 -6.07
N ASN A 87 12.56 -14.88 -4.74
CA ASN A 87 11.49 -14.36 -3.89
C ASN A 87 11.80 -12.99 -3.28
N ILE A 88 12.87 -12.36 -3.75
CA ILE A 88 13.26 -11.03 -3.30
C ILE A 88 13.30 -10.09 -4.51
N MET A 89 12.74 -8.90 -4.36
CA MET A 89 12.81 -7.92 -5.45
C MET A 89 14.26 -7.64 -5.81
N LYS A 90 14.54 -7.63 -7.11
CA LYS A 90 15.88 -7.33 -7.59
C LYS A 90 16.10 -5.82 -7.66
N LEU A 91 17.17 -5.35 -7.02
CA LEU A 91 17.58 -3.95 -7.11
C LEU A 91 18.70 -3.84 -8.15
N TYR A 92 18.58 -2.85 -9.03
CA TYR A 92 19.54 -2.65 -10.11
C TYR A 92 20.50 -1.50 -9.84
N GLU A 93 19.94 -0.34 -9.46
CA GLU A 93 20.72 0.88 -9.41
C GLU A 93 20.23 1.85 -8.35
N PHE A 94 21.11 2.81 -8.04
CA PHE A 94 20.86 3.83 -7.03
C PHE A 94 21.33 5.18 -7.57
N PHE A 95 20.49 6.20 -7.44
CA PHE A 95 20.87 7.58 -7.79
C PHE A 95 20.47 8.51 -6.67
N GLU A 96 21.06 9.70 -6.66
CA GLU A 96 20.75 10.71 -5.67
C GLU A 96 20.94 12.09 -6.26
N ASP A 97 20.06 13.02 -5.89
CA ASP A 97 20.30 14.45 -6.13
C ASP A 97 20.05 15.20 -4.82
N LYS A 98 20.06 16.53 -4.87
CA LYS A 98 19.88 17.36 -3.67
C LYS A 98 18.60 17.02 -2.91
N GLY A 99 17.54 16.67 -3.64
CA GLY A 99 16.21 16.48 -3.05
C GLY A 99 15.73 15.05 -2.86
N TYR A 100 16.32 14.10 -3.59
CA TYR A 100 15.77 12.75 -3.68
C TYR A 100 16.80 11.63 -3.76
N PHE A 101 16.38 10.44 -3.34
CA PHE A 101 17.06 9.19 -3.67
C PHE A 101 16.21 8.49 -4.69
N TYR A 102 16.84 7.83 -5.67
CA TYR A 102 16.12 7.06 -6.67
C TYR A 102 16.63 5.62 -6.61
N LEU A 103 15.79 4.72 -6.14
CA LEU A 103 16.12 3.30 -6.11
C LEU A 103 15.46 2.63 -7.31
N VAL A 104 16.28 2.07 -8.19
CA VAL A 104 15.80 1.44 -9.42
C VAL A 104 15.87 -0.09 -9.31
N GLY A 105 14.75 -0.75 -9.63
CA GLY A 105 14.68 -2.21 -9.58
C GLY A 105 13.69 -2.81 -10.55
N GLU A 106 13.53 -4.13 -10.46
CA GLU A 106 12.67 -4.90 -11.36
C GLU A 106 11.21 -4.59 -11.07
N VAL A 107 10.41 -4.47 -12.12
CA VAL A 107 8.98 -4.22 -11.97
C VAL A 107 8.24 -5.56 -11.98
N TYR A 108 7.25 -5.68 -11.10
CA TYR A 108 6.39 -6.85 -11.07
C TYR A 108 4.95 -6.39 -11.30
N THR A 109 4.21 -7.16 -12.10
CA THR A 109 2.92 -6.72 -12.60
C THR A 109 1.74 -7.52 -12.06
N GLY A 110 2.01 -8.46 -11.15
CA GLY A 110 0.99 -9.36 -10.64
C GLY A 110 0.17 -8.80 -9.48
N GLY A 111 0.56 -7.64 -8.98
CA GLY A 111 -0.13 -7.01 -7.87
C GLY A 111 0.16 -7.67 -6.53
N GLU A 112 -0.57 -7.25 -5.51
CA GLU A 112 -0.37 -7.72 -4.15
C GLU A 112 -1.00 -9.09 -3.94
N LEU A 113 -0.32 -9.94 -3.17
CA LEU A 113 -0.74 -11.34 -2.95
C LEU A 113 -2.20 -11.46 -2.51
N PHE A 114 -2.58 -10.71 -1.48
CA PHE A 114 -3.93 -10.83 -0.90
C PHE A 114 -5.03 -10.41 -1.90
N ASP A 115 -4.72 -9.48 -2.80
CA ASP A 115 -5.66 -9.05 -3.83
C ASP A 115 -5.89 -10.16 -4.86
N GLU A 116 -4.93 -11.09 -4.96
CA GLU A 116 -5.11 -12.28 -5.76
C GLU A 116 -5.89 -13.35 -4.98
N ILE A 117 -5.56 -13.51 -3.69
CA ILE A 117 -6.18 -14.56 -2.87
C ILE A 117 -7.69 -14.40 -2.75
N ILE A 118 -8.13 -13.16 -2.52
CA ILE A 118 -9.56 -12.87 -2.35
C ILE A 118 -10.46 -13.27 -3.54
N SER A 119 -9.88 -13.39 -4.74
CA SER A 119 -10.62 -13.82 -5.93
C SER A 119 -10.70 -15.35 -6.10
N ARG A 120 -9.95 -16.09 -5.29
CA ARG A 120 -9.97 -17.56 -5.37
C ARG A 120 -11.28 -18.11 -4.82
N LYS A 121 -11.75 -19.21 -5.40
CA LYS A 121 -12.93 -19.91 -4.90
C LYS A 121 -12.55 -20.98 -3.87
N ARG A 122 -11.37 -21.58 -4.07
CA ARG A 122 -10.85 -22.60 -3.16
CA ARG A 122 -10.85 -22.59 -3.14
C ARG A 122 -9.47 -22.17 -2.62
N PHE A 123 -9.21 -22.50 -1.35
CA PHE A 123 -7.94 -22.19 -0.71
C PHE A 123 -7.68 -23.19 0.42
N SER A 124 -6.57 -23.93 0.34
CA SER A 124 -6.27 -25.00 1.28
C SER A 124 -4.99 -24.70 2.07
N GLU A 125 -4.64 -25.62 2.98
CA GLU A 125 -3.36 -25.53 3.69
C GLU A 125 -2.19 -25.63 2.73
N VAL A 126 -2.33 -26.45 1.69
CA VAL A 126 -1.29 -26.60 0.68
C VAL A 126 -0.98 -25.26 0.03
N ASP A 127 -2.02 -24.54 -0.37
CA ASP A 127 -1.87 -23.20 -0.97
C ASP A 127 -1.19 -22.23 -0.01
N ALA A 128 -1.61 -22.23 1.25
CA ALA A 128 -0.99 -21.39 2.27
C ALA A 128 0.48 -21.74 2.49
N ALA A 129 0.77 -23.04 2.48
CA ALA A 129 2.14 -23.53 2.69
C ALA A 129 3.07 -23.12 1.56
N ARG A 130 2.58 -23.20 0.32
CA ARG A 130 3.38 -22.81 -0.83
C ARG A 130 3.74 -21.33 -0.77
N ILE A 131 2.78 -20.52 -0.35
CA ILE A 131 2.98 -19.08 -0.18
C ILE A 131 4.03 -18.80 0.88
N ILE A 132 3.84 -19.36 2.07
CA ILE A 132 4.75 -19.12 3.20
C ILE A 132 6.15 -19.70 2.98
N ARG A 133 6.27 -20.79 2.23
CA ARG A 133 7.59 -21.34 1.90
CA ARG A 133 7.60 -21.33 1.91
C ARG A 133 8.40 -20.35 1.07
N GLN A 134 7.75 -19.67 0.13
CA GLN A 134 8.41 -18.67 -0.71
C GLN A 134 8.88 -17.50 0.15
N VAL A 135 8.00 -17.02 1.02
CA VAL A 135 8.34 -15.91 1.91
C VAL A 135 9.53 -16.31 2.80
N LEU A 136 9.47 -17.49 3.41
CA LEU A 136 10.55 -17.99 4.26
C LEU A 136 11.86 -18.20 3.50
N SER A 137 11.78 -18.59 2.23
CA SER A 137 12.97 -18.78 1.42
C SER A 137 13.69 -17.45 1.17
N GLY A 138 12.93 -16.44 0.77
CA GLY A 138 13.48 -15.09 0.58
C GLY A 138 14.07 -14.54 1.87
N ILE A 139 13.33 -14.68 2.96
CA ILE A 139 13.75 -14.16 4.26
C ILE A 139 15.04 -14.84 4.75
N THR A 140 15.12 -16.16 4.55
CA THR A 140 16.29 -16.94 4.96
C THR A 140 17.54 -16.46 4.23
N TYR A 141 17.40 -16.20 2.94
CA TYR A 141 18.50 -15.70 2.11
C TYR A 141 18.98 -14.30 2.52
N MET A 142 18.05 -13.40 2.80
CA MET A 142 18.41 -12.04 3.22
C MET A 142 19.06 -12.03 4.60
N HIS A 143 18.52 -12.82 5.53
CA HIS A 143 19.08 -12.94 6.89
C HIS A 143 20.52 -13.47 6.86
N LYS A 144 20.79 -14.39 5.95
CA LYS A 144 22.17 -14.88 5.71
C LYS A 144 23.11 -13.73 5.40
N ASN A 145 22.60 -12.70 4.73
CA ASN A 145 23.38 -11.50 4.38
C ASN A 145 23.16 -10.34 5.36
N LYS A 146 22.63 -10.65 6.53
CA LYS A 146 22.44 -9.68 7.62
C LYS A 146 21.52 -8.52 7.25
N ILE A 147 20.56 -8.78 6.37
CA ILE A 147 19.58 -7.78 6.00
C ILE A 147 18.24 -8.15 6.63
N VAL A 148 17.67 -7.20 7.37
CA VAL A 148 16.38 -7.40 8.05
C VAL A 148 15.32 -6.51 7.37
N HIS A 149 14.07 -6.96 7.37
CA HIS A 149 12.97 -6.18 6.79
C HIS A 149 12.35 -5.28 7.84
N ARG A 150 11.85 -5.91 8.91
CA ARG A 150 11.17 -5.25 10.05
C ARG A 150 9.71 -4.87 9.76
N ASP A 151 9.39 -4.52 8.52
CA ASP A 151 8.05 -4.08 8.15
C ASP A 151 7.37 -5.06 7.20
N LEU A 152 7.64 -6.35 7.38
CA LEU A 152 7.05 -7.36 6.52
C LEU A 152 5.54 -7.40 6.75
N LYS A 153 4.78 -7.33 5.66
CA LYS A 153 3.33 -7.33 5.71
C LYS A 153 2.81 -7.72 4.33
N PRO A 154 1.52 -8.08 4.22
CA PRO A 154 0.97 -8.52 2.93
C PRO A 154 1.25 -7.56 1.78
N GLU A 155 1.11 -6.26 2.01
CA GLU A 155 1.42 -5.23 1.01
C GLU A 155 2.82 -5.35 0.39
N ASN A 156 3.75 -5.95 1.14
CA ASN A 156 5.12 -6.14 0.64
C ASN A 156 5.33 -7.45 -0.10
N LEU A 157 4.27 -8.21 -0.32
CA LEU A 157 4.32 -9.44 -1.09
C LEU A 157 3.65 -9.22 -2.45
N LEU A 158 4.47 -8.99 -3.47
CA LEU A 158 3.96 -8.81 -4.83
C LEU A 158 4.07 -10.11 -5.64
N LEU A 159 3.19 -10.25 -6.62
CA LEU A 159 3.24 -11.39 -7.53
C LEU A 159 3.87 -10.97 -8.86
N GLU A 160 4.54 -11.92 -9.53
CA GLU A 160 5.07 -11.68 -10.87
C GLU A 160 3.96 -11.69 -11.92
N SER A 161 2.88 -12.40 -11.64
CA SER A 161 1.63 -12.29 -12.41
C SER A 161 0.43 -12.59 -11.50
N LYS A 162 -0.74 -12.07 -11.85
CA LYS A 162 -1.94 -12.27 -11.04
C LYS A 162 -2.50 -13.69 -11.21
N SER A 163 -1.85 -14.63 -10.53
CA SER A 163 -2.17 -16.05 -10.63
C SER A 163 -1.71 -16.74 -9.35
N LYS A 164 -2.39 -17.82 -8.97
CA LYS A 164 -1.99 -18.59 -7.79
C LYS A 164 -0.68 -19.35 -8.01
N ASP A 165 -0.26 -19.49 -9.26
CA ASP A 165 0.97 -20.20 -9.62
C ASP A 165 2.19 -19.29 -9.74
N ALA A 166 1.99 -17.97 -9.66
CA ALA A 166 3.09 -17.01 -9.87
C ALA A 166 3.99 -16.93 -8.63
N ASN A 167 5.24 -16.54 -8.86
CA ASN A 167 6.18 -16.37 -7.76
C ASN A 167 5.90 -15.10 -6.97
N ILE A 168 6.16 -15.18 -5.66
CA ILE A 168 6.08 -14.03 -4.77
C ILE A 168 7.41 -13.32 -4.75
N ARG A 169 7.37 -11.98 -4.81
CA ARG A 169 8.57 -11.16 -4.62
C ARG A 169 8.34 -10.25 -3.42
N ILE A 170 9.23 -10.34 -2.44
CA ILE A 170 9.17 -9.48 -1.27
C ILE A 170 9.83 -8.15 -1.63
N ILE A 171 9.13 -7.06 -1.38
CA ILE A 171 9.66 -5.71 -1.59
C ILE A 171 10.02 -5.04 -0.27
N ASP A 172 10.99 -4.13 -0.33
CA ASP A 172 11.38 -3.23 0.78
C ASP A 172 12.36 -3.80 1.83
N PHE A 173 13.00 -4.94 1.57
CA PHE A 173 14.06 -5.40 2.49
C PHE A 173 15.12 -4.31 2.67
N GLY A 174 15.55 -4.08 3.90
CA GLY A 174 16.63 -3.16 4.19
C GLY A 174 16.28 -1.69 4.34
N LEU A 175 15.13 -1.27 3.84
CA LEU A 175 14.77 0.16 3.86
C LEU A 175 14.62 0.76 5.26
N SER A 176 14.01 0.00 6.18
CA SER A 176 13.71 0.51 7.51
C SER A 176 14.96 0.70 8.38
N THR A 177 16.04 0.02 8.02
CA THR A 177 17.33 0.22 8.68
C THR A 177 17.90 1.62 8.41
N HIS A 178 17.55 2.22 7.28
CA HIS A 178 18.14 3.48 6.83
C HIS A 178 17.20 4.69 6.79
N PHE A 179 15.89 4.46 6.81
CA PHE A 179 14.91 5.55 6.75
C PHE A 179 13.85 5.40 7.84
N GLU A 180 13.43 6.53 8.42
CA GLU A 180 12.42 6.52 9.48
C GLU A 180 11.01 6.60 8.90
N ALA A 181 10.11 5.80 9.46
CA ALA A 181 8.72 5.77 9.03
C ALA A 181 7.97 7.01 9.54
N SER A 182 7.05 7.52 8.73
CA SER A 182 6.27 8.71 9.09
C SER A 182 5.13 8.35 10.03
N LYS A 183 4.74 9.32 10.86
CA LYS A 183 3.59 9.16 11.75
C LYS A 183 2.26 9.50 11.07
N LYS A 184 2.29 9.80 9.78
CA LYS A 184 1.07 10.06 9.02
C LYS A 184 0.27 8.77 8.90
N MET A 185 -1.03 8.84 9.22
CA MET A 185 -1.86 7.65 9.30
C MET A 185 -2.05 6.97 7.96
N LYS A 186 -2.12 7.75 6.89
CA LYS A 186 -2.19 7.19 5.53
C LYS A 186 -0.97 6.31 5.20
N ASP A 187 0.17 6.63 5.81
CA ASP A 187 1.41 5.85 5.63
C ASP A 187 1.50 4.66 6.60
N LYS A 188 0.92 4.79 7.79
CA LYS A 188 1.01 3.74 8.80
C LYS A 188 -0.31 2.99 9.05
N ILE A 189 -1.30 3.14 8.17
CA ILE A 189 -2.52 2.33 8.24
C ILE A 189 -2.18 0.87 7.98
N GLY A 190 -2.77 -0.02 8.79
CA GLY A 190 -2.63 -1.46 8.59
C GLY A 190 -1.34 -2.10 9.05
N THR A 191 -0.43 -1.32 9.64
CA THR A 191 0.89 -1.83 10.02
C THR A 191 0.91 -2.56 11.37
N ALA A 192 0.01 -2.21 12.27
CA ALA A 192 0.02 -2.72 13.65
C ALA A 192 -0.12 -4.25 13.76
N TYR A 193 -0.84 -4.87 12.83
CA TYR A 193 -1.14 -6.30 12.93
C TYR A 193 0.11 -7.19 12.89
N TYR A 194 1.15 -6.72 12.21
CA TYR A 194 2.29 -7.56 11.80
C TYR A 194 3.61 -7.27 12.51
N ILE A 195 3.67 -6.16 13.24
CA ILE A 195 4.93 -5.73 13.87
CA ILE A 195 4.92 -5.73 13.86
C ILE A 195 5.25 -6.58 15.09
N ALA A 196 6.51 -6.99 15.22
CA ALA A 196 6.93 -7.81 16.34
C ALA A 196 6.95 -6.99 17.63
N PRO A 197 6.60 -7.62 18.76
CA PRO A 197 6.58 -6.89 20.05
C PRO A 197 7.92 -6.23 20.36
N GLU A 198 9.01 -6.91 20.06
CA GLU A 198 10.35 -6.40 20.38
C GLU A 198 10.70 -5.18 19.55
N VAL A 199 10.07 -5.02 18.39
CA VAL A 199 10.22 -3.80 17.58
C VAL A 199 9.55 -2.62 18.29
N LEU A 200 8.39 -2.85 18.90
CA LEU A 200 7.71 -1.82 19.70
C LEU A 200 8.56 -1.30 20.86
N HIS A 201 9.33 -2.20 21.47
CA HIS A 201 10.13 -1.83 22.64
C HIS A 201 11.54 -1.37 22.29
N GLY A 202 11.99 -1.61 21.06
CA GLY A 202 13.22 -0.99 20.55
C GLY A 202 14.41 -1.92 20.30
N THR A 203 14.47 -3.06 20.98
CA THR A 203 15.55 -4.02 20.76
C THR A 203 15.06 -5.14 19.85
N TYR A 204 15.53 -5.14 18.61
CA TYR A 204 15.11 -6.17 17.65
C TYR A 204 16.25 -6.58 16.72
N ASP A 205 16.06 -7.75 16.11
CA ASP A 205 17.00 -8.34 15.18
C ASP A 205 16.19 -9.08 14.12
N GLU A 206 16.87 -9.88 13.30
CA GLU A 206 16.24 -10.60 12.19
C GLU A 206 15.02 -11.46 12.59
N LYS A 207 14.93 -11.89 13.84
CA LYS A 207 13.80 -12.70 14.29
C LYS A 207 12.45 -11.99 14.17
N CYS A 208 12.45 -10.66 14.13
CA CYS A 208 11.19 -9.91 13.97
C CYS A 208 10.50 -10.27 12.67
N ASP A 209 11.29 -10.63 11.64
CA ASP A 209 10.73 -11.02 10.35
C ASP A 209 10.02 -12.37 10.39
N VAL A 210 10.49 -13.27 11.25
CA VAL A 210 9.82 -14.55 11.46
C VAL A 210 8.46 -14.34 12.12
N TRP A 211 8.39 -13.39 13.06
CA TRP A 211 7.13 -13.08 13.72
C TRP A 211 6.10 -12.56 12.73
N SER A 212 6.50 -11.59 11.91
CA SER A 212 5.58 -11.01 10.94
C SER A 212 5.08 -12.06 9.97
N THR A 213 5.95 -13.01 9.60
CA THR A 213 5.58 -14.10 8.70
C THR A 213 4.58 -15.04 9.38
N GLY A 214 4.78 -15.26 10.68
CA GLY A 214 3.84 -16.03 11.48
C GLY A 214 2.45 -15.39 11.52
N VAL A 215 2.41 -14.06 11.65
CA VAL A 215 1.14 -13.36 11.66
C VAL A 215 0.46 -13.56 10.31
N ILE A 216 1.23 -13.44 9.23
CA ILE A 216 0.68 -13.62 7.89
C ILE A 216 0.15 -15.04 7.67
N LEU A 217 0.90 -16.05 8.12
CA LEU A 217 0.44 -17.45 8.04
C LEU A 217 -0.87 -17.63 8.80
N TYR A 218 -0.94 -17.10 10.01
CA TYR A 218 -2.15 -17.18 10.84
C TYR A 218 -3.38 -16.62 10.10
N ILE A 219 -3.17 -15.52 9.38
CA ILE A 219 -4.23 -14.88 8.59
C ILE A 219 -4.63 -15.72 7.37
N LEU A 220 -3.64 -16.32 6.70
CA LEU A 220 -3.92 -17.18 5.53
C LEU A 220 -4.79 -18.37 5.90
N LEU A 221 -4.56 -18.93 7.09
CA LEU A 221 -5.25 -20.14 7.53
C LEU A 221 -6.59 -19.89 8.22
N SER A 222 -6.80 -18.68 8.75
CA SER A 222 -8.06 -18.35 9.43
C SER A 222 -8.81 -17.14 8.86
N GLY A 223 -8.12 -16.31 8.08
CA GLY A 223 -8.69 -15.07 7.57
C GLY A 223 -8.78 -13.94 8.58
N CYS A 224 -8.23 -14.15 9.77
CA CYS A 224 -8.33 -13.18 10.85
C CYS A 224 -6.95 -12.96 11.48
N PRO A 225 -6.60 -11.71 11.80
CA PRO A 225 -5.32 -11.49 12.48
C PRO A 225 -5.33 -12.05 13.90
N PRO A 226 -4.19 -12.61 14.35
CA PRO A 226 -4.11 -13.14 15.70
C PRO A 226 -4.21 -12.05 16.77
N PHE A 227 -3.67 -10.88 16.46
CA PHE A 227 -3.77 -9.72 17.34
C PHE A 227 -4.63 -8.66 16.65
N ASN A 228 -5.89 -8.58 17.05
CA ASN A 228 -6.87 -7.76 16.36
C ASN A 228 -7.43 -6.67 17.26
N GLY A 229 -8.04 -5.66 16.67
CA GLY A 229 -8.55 -4.54 17.44
C GLY A 229 -9.22 -3.49 16.57
N ALA A 230 -9.94 -2.58 17.21
CA ALA A 230 -10.71 -1.56 16.50
C ALA A 230 -9.83 -0.43 15.94
N ASN A 231 -8.70 -0.18 16.59
CA ASN A 231 -7.80 0.91 16.21
C ASN A 231 -6.33 0.54 16.48
N GLU A 232 -5.42 1.41 16.08
CA GLU A 232 -3.98 1.14 16.22
C GLU A 232 -3.62 0.76 17.65
N TYR A 233 -4.01 1.58 18.63
CA TYR A 233 -3.70 1.31 20.04
C TYR A 233 -4.17 -0.06 20.50
N ASP A 234 -5.42 -0.40 20.20
CA ASP A 234 -5.99 -1.68 20.65
C ASP A 234 -5.18 -2.86 20.11
N ILE A 235 -4.80 -2.76 18.84
CA ILE A 235 -4.02 -3.81 18.19
C ILE A 235 -2.64 -3.93 18.84
N LEU A 236 -1.94 -2.80 18.93
CA LEU A 236 -0.58 -2.79 19.48
C LEU A 236 -0.52 -3.29 20.94
N LYS A 237 -1.56 -2.99 21.69
CA LYS A 237 -1.68 -3.47 23.07
C LYS A 237 -1.76 -5.00 23.10
N LYS A 238 -2.47 -5.58 22.13
CA LYS A 238 -2.57 -7.04 22.03
C LYS A 238 -1.26 -7.66 21.55
N VAL A 239 -0.61 -7.03 20.58
CA VAL A 239 0.71 -7.50 20.12
C VAL A 239 1.72 -7.51 21.26
N GLU A 240 1.72 -6.43 22.05
CA GLU A 240 2.68 -6.27 23.14
C GLU A 240 2.48 -7.30 24.27
N LYS A 241 1.23 -7.59 24.61
CA LYS A 241 0.90 -8.66 25.55
C LYS A 241 1.33 -10.02 24.95
N GLY A 242 1.19 -10.14 23.63
CA GLY A 242 1.69 -11.32 22.91
C GLY A 242 0.80 -12.55 22.95
N LYS A 243 -0.38 -12.43 23.54
CA LYS A 243 -1.29 -13.56 23.67
C LYS A 243 -2.22 -13.67 22.46
N TYR A 244 -2.32 -14.88 21.93
CA TYR A 244 -3.23 -15.19 20.82
C TYR A 244 -3.71 -16.64 20.99
N THR A 245 -4.79 -17.00 20.28
CA THR A 245 -5.38 -18.34 20.41
C THR A 245 -5.84 -18.91 19.07
N PHE A 246 -6.14 -20.20 19.09
CA PHE A 246 -6.80 -20.88 17.98
C PHE A 246 -8.25 -21.20 18.37
N GLU A 247 -8.90 -20.27 19.06
CA GLU A 247 -10.25 -20.47 19.58
C GLU A 247 -11.33 -20.39 18.50
N LEU A 248 -11.05 -19.68 17.42
CA LEU A 248 -12.04 -19.48 16.36
C LEU A 248 -12.40 -20.80 15.68
N PRO A 249 -13.68 -20.98 15.29
CA PRO A 249 -14.15 -22.27 14.80
C PRO A 249 -13.38 -22.81 13.60
N GLN A 250 -12.95 -21.92 12.71
CA GLN A 250 -12.28 -22.34 11.48
C GLN A 250 -10.91 -23.01 11.70
N TRP A 251 -10.34 -22.85 12.89
CA TRP A 251 -9.09 -23.56 13.26
C TRP A 251 -9.26 -25.07 13.44
N LYS A 252 -10.50 -25.55 13.55
CA LYS A 252 -10.77 -26.99 13.58
C LYS A 252 -10.46 -27.64 12.22
N LYS A 253 -10.57 -26.86 11.15
CA LYS A 253 -10.23 -27.35 9.80
C LYS A 253 -8.72 -27.38 9.53
N VAL A 254 -7.90 -26.89 10.47
CA VAL A 254 -6.46 -26.74 10.27
C VAL A 254 -5.66 -27.81 11.03
N SER A 255 -4.63 -28.33 10.37
CA SER A 255 -3.75 -29.34 10.96
C SER A 255 -3.03 -28.84 12.20
N GLU A 256 -2.72 -29.77 13.11
CA GLU A 256 -1.94 -29.45 14.31
C GLU A 256 -0.51 -29.07 13.94
N SER A 257 0.00 -29.65 12.86
CA SER A 257 1.33 -29.34 12.36
C SER A 257 1.46 -27.86 11.96
N ALA A 258 0.43 -27.32 11.29
CA ALA A 258 0.38 -25.91 10.93
C ALA A 258 0.40 -25.02 12.18
N LYS A 259 -0.43 -25.38 13.17
CA LYS A 259 -0.51 -24.65 14.43
C LYS A 259 0.81 -24.68 15.20
N ASP A 260 1.50 -25.81 15.15
CA ASP A 260 2.81 -25.95 15.79
C ASP A 260 3.83 -24.97 15.21
N LEU A 261 3.82 -24.81 13.88
CA LEU A 261 4.73 -23.87 13.22
C LEU A 261 4.42 -22.44 13.62
N ILE A 262 3.12 -22.12 13.66
CA ILE A 262 2.68 -20.79 14.08
C ILE A 262 3.14 -20.48 15.51
N ARG A 263 3.04 -21.46 16.41
CA ARG A 263 3.49 -21.28 17.80
C ARG A 263 4.98 -20.97 17.88
N LYS A 264 5.77 -21.66 17.06
CA LYS A 264 7.22 -21.44 17.02
C LYS A 264 7.59 -20.08 16.42
N MET A 265 6.82 -19.63 15.42
CA MET A 265 7.08 -18.36 14.78
C MET A 265 6.56 -17.17 15.61
N LEU A 266 5.49 -17.39 16.38
CA LEU A 266 4.94 -16.34 17.25
C LEU A 266 5.37 -16.52 18.70
N THR A 267 6.53 -17.15 18.91
CA THR A 267 7.13 -17.22 20.25
C THR A 267 7.60 -15.81 20.63
N TYR A 268 7.30 -15.42 21.86
CA TYR A 268 7.48 -14.03 22.29
C TYR A 268 8.96 -13.60 22.40
N VAL A 269 9.75 -14.31 23.20
CA VAL A 269 11.17 -13.97 23.35
C VAL A 269 11.92 -14.38 22.09
N PRO A 270 12.56 -13.42 21.41
CA PRO A 270 13.12 -13.71 20.08
C PRO A 270 14.17 -14.82 20.04
N SER A 271 14.96 -14.95 21.10
CA SER A 271 15.98 -16.01 21.17
C SER A 271 15.36 -17.41 21.21
N MET A 272 14.13 -17.51 21.71
CA MET A 272 13.40 -18.78 21.75
C MET A 272 12.57 -19.01 20.48
N ARG A 273 12.41 -17.96 19.68
CA ARG A 273 11.64 -18.03 18.43
C ARG A 273 12.44 -18.73 17.34
N ILE A 274 11.75 -19.50 16.51
CA ILE A 274 12.37 -20.26 15.44
C ILE A 274 12.99 -19.32 14.39
N SER A 275 14.11 -19.72 13.82
CA SER A 275 14.74 -18.97 12.74
C SER A 275 14.01 -19.23 11.43
N ALA A 276 14.17 -18.34 10.46
CA ALA A 276 13.58 -18.55 9.13
C ALA A 276 14.09 -19.83 8.48
N ARG A 277 15.39 -20.11 8.67
CA ARG A 277 16.04 -21.31 8.14
C ARG A 277 15.40 -22.57 8.69
N ASP A 278 15.21 -22.63 10.00
CA ASP A 278 14.60 -23.79 10.64
C ASP A 278 13.10 -23.88 10.34
N ALA A 279 12.45 -22.74 10.14
CA ALA A 279 11.04 -22.73 9.75
C ALA A 279 10.84 -23.43 8.39
N LEU A 280 11.80 -23.24 7.48
CA LEU A 280 11.79 -23.94 6.18
C LEU A 280 11.89 -25.46 6.31
N ASP A 281 12.56 -25.93 7.35
CA ASP A 281 12.71 -27.37 7.61
C ASP A 281 11.52 -27.97 8.37
N HIS A 282 10.58 -27.13 8.81
CA HIS A 282 9.44 -27.61 9.60
C HIS A 282 8.60 -28.64 8.82
N GLU A 283 8.13 -29.66 9.54
CA GLU A 283 7.31 -30.74 8.98
C GLU A 283 6.14 -30.25 8.12
N TRP A 284 5.48 -29.18 8.57
CA TRP A 284 4.35 -28.61 7.83
C TRP A 284 4.78 -28.11 6.46
N ILE A 285 5.86 -27.34 6.41
CA ILE A 285 6.39 -26.83 5.14
C ILE A 285 6.81 -28.00 4.24
N GLN A 286 7.58 -28.92 4.80
CA GLN A 286 8.06 -30.09 4.07
C GLN A 286 6.93 -30.96 3.53
N THR A 287 5.91 -31.18 4.35
CA THR A 287 4.79 -32.04 3.97
C THR A 287 3.83 -31.37 2.99
N TYR A 288 3.49 -30.10 3.22
CA TYR A 288 2.42 -29.44 2.46
C TYR A 288 2.89 -28.68 1.20
N THR A 289 4.19 -28.60 0.97
CA THR A 289 4.72 -27.95 -0.25
C THR A 289 5.23 -28.93 -1.29
N LYS A 290 5.01 -30.23 -1.05
CA LYS A 290 5.30 -31.26 -2.05
C LYS A 290 4.60 -30.89 -3.36
N GLU A 291 5.30 -31.02 -4.48
CA GLU A 291 4.70 -30.76 -5.79
C GLU A 291 3.48 -31.65 -6.01
N GLN A 292 3.61 -32.91 -5.60
CA GLN A 292 2.51 -33.87 -5.65
C GLN A 292 1.73 -33.82 -4.34
N ILE A 293 0.47 -33.41 -4.42
CA ILE A 293 -0.39 -33.30 -3.24
C ILE A 293 -0.82 -34.68 -2.76
N SER A 294 -0.34 -35.05 -1.58
CA SER A 294 -0.62 -36.36 -0.98
C SER A 294 -1.41 -36.25 0.32
N VAL A 295 -1.86 -35.04 0.67
CA VAL A 295 -2.59 -34.80 1.91
C VAL A 295 -4.03 -34.37 1.58
N ASP A 296 -4.89 -34.34 2.59
CA ASP A 296 -6.26 -33.81 2.44
C ASP A 296 -6.20 -32.31 2.16
N VAL A 297 -7.04 -31.85 1.23
CA VAL A 297 -7.06 -30.44 0.85
C VAL A 297 -8.49 -29.87 0.85
N PRO A 298 -9.15 -29.88 2.02
CA PRO A 298 -10.45 -29.22 2.11
C PRO A 298 -10.28 -27.71 1.99
N SER A 299 -11.23 -27.05 1.32
CA SER A 299 -11.16 -25.61 1.17
C SER A 299 -11.39 -24.92 2.51
N LEU A 300 -10.50 -24.00 2.86
CA LEU A 300 -10.65 -23.22 4.07
C LEU A 300 -11.62 -22.09 3.76
N ASP A 301 -12.89 -22.46 3.61
CA ASP A 301 -13.92 -21.56 3.06
C ASP A 301 -14.24 -20.38 3.97
N ASN A 302 -14.32 -20.64 5.27
CA ASN A 302 -14.57 -19.56 6.23
C ASN A 302 -13.41 -18.55 6.24
N ALA A 303 -12.19 -19.07 6.15
CA ALA A 303 -10.98 -18.22 6.06
C ALA A 303 -10.96 -17.33 4.81
N ILE A 304 -11.48 -17.84 3.69
CA ILE A 304 -11.57 -17.05 2.46
C ILE A 304 -12.57 -15.90 2.66
N LEU A 305 -13.73 -16.20 3.21
CA LEU A 305 -14.73 -15.18 3.52
C LEU A 305 -14.15 -14.12 4.45
N ASN A 306 -13.46 -14.56 5.50
CA ASN A 306 -12.83 -13.66 6.47
C ASN A 306 -11.71 -12.82 5.84
N ILE A 307 -10.86 -13.43 5.02
CA ILE A 307 -9.74 -12.71 4.43
C ILE A 307 -10.23 -11.66 3.41
N ARG A 308 -11.32 -11.98 2.70
CA ARG A 308 -11.98 -10.98 1.83
C ARG A 308 -12.47 -9.79 2.66
N GLN A 309 -13.11 -10.08 3.78
CA GLN A 309 -13.61 -9.05 4.68
C GLN A 309 -12.46 -8.22 5.26
N PHE A 310 -11.36 -8.89 5.58
CA PHE A 310 -10.18 -8.24 6.14
C PHE A 310 -9.55 -7.31 5.11
N GLN A 311 -9.23 -7.87 3.95
CA GLN A 311 -8.60 -7.12 2.86
C GLN A 311 -9.51 -5.96 2.46
N GLY A 312 -10.80 -6.26 2.30
CA GLY A 312 -11.81 -5.25 1.99
C GLY A 312 -11.79 -4.08 2.93
N THR A 313 -11.82 -4.36 4.23
CA THR A 313 -11.79 -3.31 5.27
C THR A 313 -10.50 -2.49 5.20
N GLN A 314 -9.37 -3.18 5.06
CA GLN A 314 -8.06 -2.52 5.00
C GLN A 314 -7.95 -1.60 3.79
N LYS A 315 -8.44 -2.06 2.64
CA LYS A 315 -8.36 -1.29 1.40
C LYS A 315 -9.33 -0.12 1.38
N LEU A 316 -10.51 -0.28 1.98
CA LEU A 316 -11.46 0.84 2.06
C LEU A 316 -10.95 1.95 2.99
N ALA A 317 -10.37 1.56 4.13
CA ALA A 317 -9.77 2.53 5.05
C ALA A 317 -8.64 3.31 4.38
N GLN A 318 -7.79 2.60 3.64
CA GLN A 318 -6.69 3.21 2.88
C GLN A 318 -7.24 4.16 1.82
N ALA A 319 -8.26 3.71 1.10
CA ALA A 319 -8.88 4.50 0.05
C ALA A 319 -9.49 5.79 0.60
N ALA A 320 -10.12 5.69 1.77
CA ALA A 320 -10.76 6.83 2.43
C ALA A 320 -9.76 7.92 2.77
N LEU A 321 -8.65 7.53 3.41
CA LEU A 321 -7.60 8.48 3.77
C LEU A 321 -6.93 9.10 2.54
N LEU A 322 -6.71 8.30 1.51
CA LEU A 322 -6.14 8.80 0.25
C LEU A 322 -7.11 9.75 -0.45
N TYR A 323 -8.40 9.46 -0.35
CA TYR A 323 -9.44 10.35 -0.88
C TYR A 323 -9.43 11.70 -0.15
N MET A 324 -9.36 11.67 1.18
CA MET A 324 -9.30 12.91 1.96
C MET A 324 -8.03 13.71 1.67
N GLY A 325 -6.91 13.01 1.57
CA GLY A 325 -5.64 13.62 1.18
C GLY A 325 -5.69 14.30 -0.18
N SER A 326 -6.23 13.59 -1.18
CA SER A 326 -6.33 14.12 -2.54
C SER A 326 -7.26 15.33 -2.63
N LYS A 327 -8.32 15.35 -1.81
CA LYS A 327 -9.25 16.49 -1.78
C LYS A 327 -8.53 17.75 -1.28
N LEU A 328 -7.79 17.61 -0.17
CA LEU A 328 -6.99 18.73 0.37
C LEU A 328 -5.97 19.22 -0.65
N THR A 329 -5.27 18.29 -1.30
CA THR A 329 -4.29 18.62 -2.34
C THR A 329 -4.93 19.40 -3.50
N SER A 330 -6.15 19.02 -3.87
CA SER A 330 -6.88 19.69 -4.95
C SER A 330 -7.31 21.10 -4.59
N GLN A 331 -7.66 21.31 -3.32
CA GLN A 331 -7.97 22.65 -2.81
C GLN A 331 -6.77 23.58 -2.98
N ASP A 332 -5.60 23.09 -2.58
CA ASP A 332 -4.36 23.85 -2.66
C ASP A 332 -3.99 24.16 -4.11
N GLU A 333 -4.03 23.13 -4.95
CA GLU A 333 -3.70 23.27 -6.37
C GLU A 333 -4.69 24.15 -7.15
N THR A 334 -5.97 24.10 -6.78
CA THR A 334 -6.97 24.97 -7.38
C THR A 334 -6.64 26.45 -7.12
N LYS A 335 -6.24 26.75 -5.88
CA LYS A 335 -5.85 28.12 -5.49
C LYS A 335 -4.57 28.58 -6.20
N GLU A 336 -3.55 27.72 -6.19
CA GLU A 336 -2.26 28.04 -6.82
C GLU A 336 -2.35 28.17 -8.33
N LEU A 337 -3.15 27.30 -8.97
CA LEU A 337 -3.31 27.34 -10.43
C LEU A 337 -4.05 28.57 -10.92
N THR A 338 -5.06 29.02 -10.16
CA THR A 338 -5.81 30.23 -10.50
C THR A 338 -4.94 31.48 -10.37
N ALA A 339 -4.07 31.50 -9.35
CA ALA A 339 -3.14 32.61 -9.14
C ALA A 339 -2.16 32.70 -10.31
N ILE A 340 -1.64 31.55 -10.75
CA ILE A 340 -0.73 31.49 -11.88
C ILE A 340 -1.34 32.06 -13.17
N PHE A 341 -2.56 31.60 -13.50
CA PHE A 341 -3.26 32.10 -14.69
C PHE A 341 -3.62 33.58 -14.57
N HIS A 342 -4.05 33.99 -13.37
CA HIS A 342 -4.33 35.40 -13.09
C HIS A 342 -3.10 36.28 -13.38
N LYS A 343 -1.92 35.80 -12.99
CA LYS A 343 -0.67 36.51 -13.25
C LYS A 343 -0.37 36.57 -14.75
N MET A 344 -0.64 35.47 -15.45
CA MET A 344 -0.46 35.41 -16.91
C MET A 344 -1.49 36.27 -17.64
N ASP A 345 -2.66 36.47 -17.03
CA ASP A 345 -3.77 37.19 -17.65
C ASP A 345 -3.57 38.70 -17.58
N LYS A 346 -2.75 39.21 -18.50
CA LYS A 346 -2.40 40.64 -18.53
C LYS A 346 -3.53 41.50 -19.13
N ASN A 347 -4.35 40.92 -20.00
CA ASN A 347 -5.54 41.59 -20.52
C ASN A 347 -6.61 41.75 -19.45
N GLY A 348 -6.72 40.76 -18.57
CA GLY A 348 -7.74 40.73 -17.54
C GLY A 348 -9.10 40.25 -18.04
N ASP A 349 -9.12 39.56 -19.18
CA ASP A 349 -10.37 39.05 -19.74
C ASP A 349 -10.66 37.61 -19.31
N GLY A 350 -9.71 37.00 -18.62
CA GLY A 350 -9.88 35.65 -18.07
C GLY A 350 -9.80 34.53 -19.09
N GLN A 351 -9.39 34.84 -20.31
CA GLN A 351 -9.36 33.86 -21.40
C GLN A 351 -7.95 33.68 -21.97
N LEU A 352 -7.43 32.46 -21.88
CA LEU A 352 -6.08 32.12 -22.33
C LEU A 352 -6.12 31.10 -23.46
N ASP A 353 -5.03 30.98 -24.21
CA ASP A 353 -4.94 29.96 -25.27
C ASP A 353 -4.20 28.71 -24.78
N ARG A 354 -4.16 27.68 -25.64
CA ARG A 354 -3.54 26.40 -25.33
C ARG A 354 -2.11 26.54 -24.78
N ALA A 355 -1.30 27.35 -25.45
CA ALA A 355 0.10 27.56 -25.06
C ALA A 355 0.23 28.10 -23.64
N GLU A 356 -0.57 29.11 -23.34
CA GLU A 356 -0.56 29.74 -22.02
C GLU A 356 -1.01 28.77 -20.93
N LEU A 357 -2.05 27.99 -21.21
CA LEU A 357 -2.58 27.01 -20.25
C LEU A 357 -1.55 25.93 -19.90
N ILE A 358 -0.81 25.46 -20.91
CA ILE A 358 0.23 24.45 -20.69
C ILE A 358 1.36 25.00 -19.81
N GLU A 359 1.79 26.23 -20.07
CA GLU A 359 2.87 26.86 -19.30
C GLU A 359 2.46 27.04 -17.84
N GLY A 360 1.21 27.48 -17.63
CA GLY A 360 0.68 27.65 -16.28
C GLY A 360 0.59 26.36 -15.49
N TYR A 361 0.11 25.30 -16.14
CA TYR A 361 -0.01 23.99 -15.50
C TYR A 361 1.38 23.47 -15.14
N LYS A 362 2.32 23.57 -16.08
CA LYS A 362 3.72 23.19 -15.83
C LYS A 362 4.32 23.99 -14.67
N GLU A 363 3.97 25.28 -14.59
CA GLU A 363 4.44 26.12 -13.49
C GLU A 363 3.89 25.63 -12.14
N LEU A 364 2.65 25.14 -12.13
CA LEU A 364 2.04 24.59 -10.92
C LEU A 364 2.80 23.38 -10.40
N MET A 365 3.13 22.46 -11.31
CA MET A 365 3.80 21.21 -10.94
C MET A 365 5.20 21.44 -10.34
N ARG A 366 5.84 22.52 -10.75
CA ARG A 366 7.11 22.94 -10.15
C ARG A 366 6.87 23.64 -8.82
N MET A 367 5.83 24.48 -8.77
CA MET A 367 5.51 25.28 -7.59
C MET A 367 5.28 24.39 -6.37
N LYS A 368 4.38 23.42 -6.50
CA LYS A 368 4.26 22.37 -5.50
C LYS A 368 5.37 21.34 -5.73
N GLY A 369 6.49 21.53 -5.04
CA GLY A 369 7.67 20.69 -5.20
C GLY A 369 7.38 19.20 -5.05
N GLN A 370 6.50 18.86 -4.11
CA GLN A 370 6.09 17.48 -3.90
C GLN A 370 5.01 17.08 -4.91
N ASP A 371 5.45 16.84 -6.15
CA ASP A 371 4.59 16.28 -7.20
C ASP A 371 5.20 14.96 -7.64
N ALA A 372 4.44 14.19 -8.42
CA ALA A 372 4.97 13.00 -9.07
C ALA A 372 6.10 13.37 -10.04
N SER A 373 6.93 12.39 -10.38
CA SER A 373 8.05 12.61 -11.31
C SER A 373 7.59 13.15 -12.66
N MET A 374 6.36 12.82 -13.05
CA MET A 374 5.76 13.33 -14.27
C MET A 374 4.97 14.60 -14.00
N SER A 378 4.99 16.36 -16.73
CA SER A 378 5.02 15.92 -18.12
C SER A 378 3.66 15.40 -18.60
N ALA A 379 2.75 15.15 -17.66
CA ALA A 379 1.40 14.69 -17.99
C ALA A 379 0.43 15.85 -18.26
N VAL A 380 0.94 17.09 -18.26
CA VAL A 380 0.10 18.28 -18.37
C VAL A 380 -0.48 18.53 -19.77
N GLU A 381 0.35 18.40 -20.81
CA GLU A 381 -0.07 18.74 -22.17
C GLU A 381 -1.22 17.87 -22.69
N HIS A 382 -1.14 16.57 -22.43
CA HIS A 382 -2.24 15.66 -22.77
C HIS A 382 -3.46 16.00 -21.91
N GLU A 383 -3.22 16.21 -20.61
CA GLU A 383 -4.28 16.67 -19.70
C GLU A 383 -4.94 17.94 -20.23
N VAL A 384 -4.13 18.92 -20.62
CA VAL A 384 -4.65 20.18 -21.18
C VAL A 384 -5.56 19.91 -22.37
N ASP A 385 -5.09 19.13 -23.34
CA ASP A 385 -5.87 18.81 -24.53
C ASP A 385 -7.17 18.06 -24.18
N GLN A 386 -7.10 17.18 -23.18
CA GLN A 386 -8.28 16.47 -22.71
C GLN A 386 -9.27 17.40 -22.02
N VAL A 387 -8.76 18.37 -21.27
CA VAL A 387 -9.59 19.40 -20.66
C VAL A 387 -10.21 20.29 -21.74
N LEU A 388 -9.42 20.71 -22.72
CA LEU A 388 -9.89 21.55 -23.82
C LEU A 388 -10.98 20.88 -24.66
N ASP A 389 -10.84 19.57 -24.88
CA ASP A 389 -11.86 18.77 -25.54
C ASP A 389 -13.22 18.94 -24.86
N ALA A 390 -13.22 18.89 -23.53
CA ALA A 390 -14.44 19.05 -22.73
C ALA A 390 -14.93 20.50 -22.72
N VAL A 391 -14.01 21.44 -22.53
CA VAL A 391 -14.35 22.86 -22.38
C VAL A 391 -14.74 23.53 -23.70
N ASP A 392 -13.99 23.26 -24.76
CA ASP A 392 -14.27 23.82 -26.09
C ASP A 392 -13.82 22.85 -27.17
N PHE A 393 -14.73 21.96 -27.59
CA PHE A 393 -14.40 20.92 -28.57
C PHE A 393 -13.86 21.47 -29.89
N ASP A 394 -14.53 22.50 -30.42
CA ASP A 394 -14.15 23.09 -31.72
C ASP A 394 -12.78 23.77 -31.72
N LYS A 395 -12.30 24.18 -30.54
CA LYS A 395 -11.08 24.97 -30.41
C LYS A 395 -11.17 26.27 -31.21
N ASN A 396 -12.29 26.99 -31.03
CA ASN A 396 -12.53 28.26 -31.71
C ASN A 396 -11.43 29.28 -31.43
N GLY A 397 -10.96 29.30 -30.19
CA GLY A 397 -9.87 30.20 -29.82
C GLY A 397 -9.43 30.08 -28.38
N TYR A 398 -9.99 30.93 -27.53
CA TYR A 398 -9.52 31.08 -26.16
C TYR A 398 -10.44 30.38 -25.17
N ILE A 399 -9.90 30.14 -23.99
CA ILE A 399 -10.54 29.31 -22.97
C ILE A 399 -10.68 30.12 -21.69
N GLU A 400 -11.88 30.08 -21.09
CA GLU A 400 -12.06 30.58 -19.73
C GLU A 400 -11.15 29.76 -18.83
N TYR A 401 -10.07 30.38 -18.34
CA TYR A 401 -9.12 29.62 -17.51
C TYR A 401 -9.74 29.14 -16.19
N SER A 402 -10.79 29.83 -15.74
CA SER A 402 -11.58 29.36 -14.59
C SER A 402 -12.25 28.03 -14.89
N GLU A 403 -12.85 27.90 -16.08
CA GLU A 403 -13.43 26.63 -16.52
C GLU A 403 -12.36 25.54 -16.65
N PHE A 404 -11.19 25.91 -17.14
CA PHE A 404 -10.09 24.97 -17.31
C PHE A 404 -9.63 24.41 -15.96
N VAL A 405 -9.44 25.29 -14.99
CA VAL A 405 -8.97 24.89 -13.67
C VAL A 405 -9.88 23.82 -13.06
N THR A 406 -11.18 24.08 -13.10
CA THR A 406 -12.17 23.14 -12.56
C THR A 406 -12.04 21.77 -13.21
N VAL A 407 -12.14 21.74 -14.54
CA VAL A 407 -12.07 20.47 -15.27
C VAL A 407 -10.71 19.79 -15.08
N ALA A 408 -9.64 20.59 -14.95
CA ALA A 408 -8.30 20.05 -14.73
C ALA A 408 -8.16 19.38 -13.36
N MET A 409 -8.67 20.05 -12.32
CA MET A 409 -8.56 19.57 -10.94
C MET A 409 -9.69 18.62 -10.58
N ASP A 410 -10.93 19.06 -10.80
CA ASP A 410 -12.12 18.31 -10.42
C ASP A 410 -12.28 16.99 -11.21
N ARG A 411 -11.52 16.84 -12.30
CA ARG A 411 -11.41 15.54 -12.96
C ARG A 411 -10.15 14.78 -12.51
N LYS A 412 -9.04 15.49 -12.28
CA LYS A 412 -7.77 14.85 -11.88
C LYS A 412 -7.85 14.08 -10.56
N THR A 413 -8.87 14.39 -9.76
CA THR A 413 -9.19 13.61 -8.56
C THR A 413 -9.90 12.29 -8.87
N LEU A 414 -10.12 12.00 -10.16
CA LEU A 414 -10.82 10.78 -10.58
C LEU A 414 -10.16 9.53 -10.00
N LEU A 415 -8.84 9.44 -10.15
CA LEU A 415 -8.08 8.27 -9.69
C LEU A 415 -8.46 7.87 -8.26
N SER A 416 -8.47 8.84 -7.34
CA SER A 416 -8.84 8.60 -5.94
C SER A 416 -10.35 8.39 -5.73
N ARG A 417 -11.18 9.12 -6.48
CA ARG A 417 -12.64 8.99 -6.38
C ARG A 417 -13.15 7.64 -6.89
N GLU A 418 -12.61 7.18 -8.02
CA GLU A 418 -12.94 5.88 -8.58
C GLU A 418 -12.39 4.75 -7.73
N ARG A 419 -11.19 4.95 -7.18
CA ARG A 419 -10.59 3.98 -6.27
C ARG A 419 -11.42 3.86 -4.99
N LEU A 420 -11.92 4.98 -4.49
CA LEU A 420 -12.75 4.96 -3.28
C LEU A 420 -14.03 4.17 -3.56
N GLU A 421 -14.69 4.46 -4.68
CA GLU A 421 -15.91 3.75 -5.04
C GLU A 421 -15.65 2.26 -5.24
N ARG A 422 -14.56 1.93 -5.93
CA ARG A 422 -14.19 0.53 -6.15
C ARG A 422 -13.96 -0.19 -4.82
N ALA A 423 -13.25 0.46 -3.90
CA ALA A 423 -13.00 -0.11 -2.58
C ALA A 423 -14.29 -0.28 -1.79
N PHE A 424 -15.23 0.66 -1.93
CA PHE A 424 -16.54 0.56 -1.29
C PHE A 424 -17.32 -0.63 -1.84
N ARG A 425 -17.34 -0.78 -3.17
CA ARG A 425 -18.07 -1.88 -3.82
C ARG A 425 -17.45 -3.24 -3.43
N MET A 426 -16.13 -3.33 -3.49
CA MET A 426 -15.40 -4.54 -3.09
C MET A 426 -15.75 -4.95 -1.65
N PHE A 427 -15.71 -3.97 -0.74
CA PHE A 427 -16.06 -4.19 0.67
C PHE A 427 -17.50 -4.69 0.85
N ASP A 428 -18.42 -4.14 0.06
CA ASP A 428 -19.84 -4.49 0.10
C ASP A 428 -20.10 -5.80 -0.66
N SER A 429 -19.66 -6.90 -0.06
CA SER A 429 -19.65 -8.21 -0.73
C SER A 429 -21.04 -8.75 -1.08
N ASP A 430 -22.05 -8.37 -0.30
CA ASP A 430 -23.43 -8.80 -0.55
CA ASP A 430 -23.44 -8.79 -0.54
C ASP A 430 -24.19 -7.84 -1.47
N ASN A 431 -23.51 -6.81 -1.98
CA ASN A 431 -24.12 -5.81 -2.85
C ASN A 431 -25.36 -5.15 -2.22
N SER A 432 -25.30 -4.89 -0.93
CA SER A 432 -26.38 -4.21 -0.22
C SER A 432 -26.41 -2.72 -0.59
N GLY A 433 -25.27 -2.17 -1.00
CA GLY A 433 -25.14 -0.75 -1.28
C GLY A 433 -24.95 0.12 -0.05
N LYS A 434 -24.83 -0.53 1.11
CA LYS A 434 -24.69 0.20 2.37
C LYS A 434 -23.63 -0.40 3.29
N ILE A 435 -23.08 0.46 4.14
CA ILE A 435 -22.15 0.06 5.19
C ILE A 435 -22.82 0.35 6.54
N SER A 436 -22.80 -0.63 7.43
CA SER A 436 -23.45 -0.51 8.74
C SER A 436 -22.61 0.30 9.73
N SER A 437 -23.24 0.71 10.84
CA SER A 437 -22.54 1.46 11.88
C SER A 437 -21.38 0.69 12.49
N THR A 438 -21.57 -0.62 12.65
CA THR A 438 -20.50 -1.49 13.14
C THR A 438 -19.32 -1.49 12.18
N GLU A 439 -19.61 -1.59 10.88
CA GLU A 439 -18.57 -1.57 9.86
C GLU A 439 -17.88 -0.21 9.80
N LEU A 440 -18.67 0.86 9.85
CA LEU A 440 -18.12 2.21 9.96
C LEU A 440 -17.19 2.36 11.18
N ALA A 441 -17.58 1.78 12.31
CA ALA A 441 -16.76 1.83 13.51
C ALA A 441 -15.38 1.22 13.25
N THR A 442 -15.37 0.06 12.61
CA THR A 442 -14.14 -0.63 12.21
C THR A 442 -13.32 0.17 11.21
N ILE A 443 -13.96 0.59 10.13
CA ILE A 443 -13.30 1.35 9.06
C ILE A 443 -12.66 2.62 9.59
N PHE A 444 -13.39 3.39 10.39
CA PHE A 444 -12.85 4.64 10.93
C PHE A 444 -11.82 4.39 12.03
N GLY A 445 -12.01 3.32 12.81
CA GLY A 445 -11.04 2.94 13.83
C GLY A 445 -9.69 2.66 13.21
N VAL A 446 -9.69 1.85 12.15
CA VAL A 446 -8.47 1.58 11.38
C VAL A 446 -7.87 2.88 10.82
N SER A 447 -8.74 3.82 10.44
CA SER A 447 -8.33 5.08 9.83
C SER A 447 -7.94 6.19 10.82
N ASP A 448 -7.99 5.90 12.11
CA ASP A 448 -7.69 6.88 13.17
C ASP A 448 -8.64 8.08 13.14
N VAL A 449 -9.91 7.84 12.82
CA VAL A 449 -10.95 8.85 12.98
C VAL A 449 -11.70 8.53 14.26
N ASP A 450 -11.66 9.48 15.20
CA ASP A 450 -12.29 9.37 16.52
C ASP A 450 -13.79 9.03 16.41
N SER A 451 -14.26 8.17 17.32
CA SER A 451 -15.65 7.69 17.33
C SER A 451 -16.67 8.84 17.35
N GLU A 452 -16.57 9.71 18.35
CA GLU A 452 -17.52 10.81 18.47
CA GLU A 452 -17.49 10.85 18.49
C GLU A 452 -17.47 11.72 17.25
N THR A 453 -16.28 11.86 16.65
CA THR A 453 -16.10 12.72 15.47
C THR A 453 -16.86 12.20 14.25
N TRP A 454 -16.68 10.95 13.85
CA TRP A 454 -17.38 10.46 12.65
C TRP A 454 -18.89 10.34 12.87
N LYS A 455 -19.31 10.04 14.11
CA LYS A 455 -20.74 10.01 14.47
C LYS A 455 -21.37 11.39 14.38
N SER A 456 -20.62 12.40 14.83
CA SER A 456 -21.05 13.79 14.74
C SER A 456 -21.25 14.20 13.27
N VAL A 457 -20.27 13.87 12.42
CA VAL A 457 -20.33 14.17 10.99
C VAL A 457 -21.48 13.44 10.30
N LEU A 458 -21.68 12.17 10.66
CA LEU A 458 -22.78 11.38 10.14
C LEU A 458 -24.13 12.04 10.46
N SER A 459 -24.27 12.51 11.70
CA SER A 459 -25.48 13.23 12.13
C SER A 459 -25.70 14.51 11.31
N GLU A 460 -24.62 15.22 10.99
CA GLU A 460 -24.69 16.42 10.15
C GLU A 460 -25.14 16.08 8.72
N VAL A 461 -24.65 14.95 8.20
CA VAL A 461 -24.99 14.52 6.84
C VAL A 461 -26.43 14.04 6.72
N ASP A 462 -26.90 13.27 7.70
CA ASP A 462 -28.23 12.68 7.67
C ASP A 462 -28.76 12.52 9.10
N LYS A 463 -29.74 13.34 9.46
CA LYS A 463 -30.33 13.27 10.79
C LYS A 463 -31.08 11.96 11.02
N ASN A 464 -31.79 11.51 9.98
CA ASN A 464 -32.56 10.26 10.04
C ASN A 464 -31.79 9.01 9.61
N ASN A 465 -30.47 9.01 9.74
CA ASN A 465 -29.71 7.79 9.48
C ASN A 465 -30.06 6.79 10.58
N ASP A 466 -30.34 5.55 10.18
CA ASP A 466 -30.67 4.51 11.15
C ASP A 466 -29.60 3.42 11.10
N GLY A 467 -28.35 3.84 11.31
CA GLY A 467 -27.24 2.92 11.48
C GLY A 467 -26.66 2.33 10.21
N GLU A 468 -26.75 3.07 9.10
CA GLU A 468 -26.09 2.66 7.85
C GLU A 468 -26.00 3.80 6.83
N VAL A 469 -24.96 3.79 6.02
CA VAL A 469 -24.75 4.79 4.97
C VAL A 469 -24.61 4.12 3.60
N ASP A 470 -25.05 4.81 2.55
CA ASP A 470 -24.74 4.43 1.17
C ASP A 470 -23.43 5.09 0.76
N PHE A 471 -22.99 4.85 -0.48
CA PHE A 471 -21.69 5.37 -0.91
C PHE A 471 -21.61 6.88 -0.86
N ASP A 472 -22.64 7.56 -1.36
CA ASP A 472 -22.63 9.01 -1.41
C ASP A 472 -22.54 9.62 -0.02
N GLU A 473 -23.30 9.06 0.92
CA GLU A 473 -23.27 9.53 2.30
C GLU A 473 -21.89 9.31 2.92
N PHE A 474 -21.31 8.14 2.67
CA PHE A 474 -19.95 7.86 3.12
C PHE A 474 -18.94 8.88 2.55
N GLN A 475 -19.03 9.15 1.25
CA GLN A 475 -18.22 10.20 0.60
C GLN A 475 -18.43 11.56 1.26
N GLN A 476 -19.70 11.90 1.53
CA GLN A 476 -20.01 13.15 2.21
C GLN A 476 -19.37 13.22 3.60
N MET A 477 -19.31 12.10 4.32
CA MET A 477 -18.67 12.06 5.63
C MET A 477 -17.18 12.38 5.50
N LEU A 478 -16.52 11.74 4.53
CA LEU A 478 -15.08 11.96 4.33
C LEU A 478 -14.77 13.42 3.99
N LEU A 479 -15.64 14.07 3.22
CA LEU A 479 -15.44 15.49 2.88
C LEU A 479 -15.52 16.37 4.13
N LYS A 480 -16.51 16.12 4.99
CA LYS A 480 -16.63 16.85 6.25
C LYS A 480 -15.47 16.57 7.21
N LEU A 481 -14.89 15.37 7.11
CA LEU A 481 -13.76 14.99 7.96
C LEU A 481 -12.43 15.60 7.51
N CYS A 482 -12.38 16.19 6.31
CA CYS A 482 -11.19 16.90 5.84
C CYS A 482 -11.48 18.38 5.57
N GLY A 483 -12.34 18.97 6.42
CA GLY A 483 -12.59 20.41 6.41
C GLY A 483 -13.43 20.92 5.25
N ASN A 484 -14.10 20.02 4.54
CA ASN A 484 -14.91 20.37 3.38
C ASN A 484 -16.38 20.06 3.63
#